data_2WV4
#
_entry.id   2WV4
#
_cell.length_a   64.760
_cell.length_b   75.250
_cell.length_c   85.970
_cell.angle_alpha   90.00
_cell.angle_beta   90.00
_cell.angle_gamma   90.00
#
_symmetry.space_group_name_H-M   'P 21 21 21'
#
loop_
_entity.id
_entity.type
_entity.pdbx_description
1 polymer 'PICORNAIN 3C'
2 polymer 'FOOT AND MOUTH DISEASE VIRUS (SEROTYPE A) VARIANT VP1 CAPSID PROTEIN'
3 water water
#
loop_
_entity_poly.entity_id
_entity_poly.type
_entity_poly.pdbx_seq_one_letter_code
_entity_poly.pdbx_strand_id
1 'polypeptide(L)'
;GSGAPPTDLQKMVMGNTKPVELILDGKTVAICCATGVFGTAYLVPRHLFAEKYDKIMLDGRAMTDSDYRVFEFEIKVKGQ
DMLSDAALMVLHRGNKVRDITKHFRDTARMKKGTPVVGVVNNADVGRLIFSGEALTYKDIVVLMDGDTMPGLFAYKAATR
AGYAGGAVLAKDGADTFIVGTHSAGGNGVGYCSCVSRSMLQKMKAHVDPEPHHE
;
A,B
2 'polypeptide(L)' (ACE)APAKQLLNFD C,D
#
# COMPACT_ATOMS: atom_id res chain seq x y z
N ASP A 8 -9.81 -5.24 7.07
CA ASP A 8 -9.56 -6.09 8.29
C ASP A 8 -8.48 -7.13 8.01
N LEU A 9 -8.73 -8.01 7.04
CA LEU A 9 -7.74 -9.02 6.71
C LEU A 9 -6.48 -8.29 6.26
N GLN A 10 -6.66 -7.30 5.41
CA GLN A 10 -5.55 -6.52 4.91
C GLN A 10 -4.70 -5.98 6.05
N LYS A 11 -5.35 -5.43 7.08
CA LYS A 11 -4.63 -4.87 8.21
C LYS A 11 -3.97 -6.00 8.98
N MET A 12 -4.65 -7.15 9.06
CA MET A 12 -4.09 -8.29 9.77
C MET A 12 -2.79 -8.73 9.13
N VAL A 13 -2.77 -8.73 7.80
CA VAL A 13 -1.58 -9.15 7.08
C VAL A 13 -0.45 -8.14 7.20
N MET A 14 -0.80 -6.86 7.36
CA MET A 14 0.22 -5.83 7.52
C MET A 14 1.01 -6.07 8.82
N GLY A 15 0.32 -6.50 9.86
CA GLY A 15 0.99 -6.74 11.12
C GLY A 15 1.98 -7.88 11.11
N ASN A 16 1.71 -8.89 10.30
CA ASN A 16 2.56 -10.08 10.19
C ASN A 16 3.68 -9.97 9.15
N THR A 17 3.64 -8.93 8.32
CA THR A 17 4.66 -8.75 7.29
C THR A 17 5.84 -7.98 7.85
N LYS A 18 7.00 -8.65 7.92
CA LYS A 18 8.22 -8.04 8.46
C LYS A 18 9.29 -7.89 7.37
N PRO A 19 10.11 -6.84 7.46
CA PRO A 19 11.16 -6.60 6.48
C PRO A 19 12.31 -7.63 6.68
N VAL A 20 13.08 -7.85 5.63
CA VAL A 20 14.17 -8.80 5.67
C VAL A 20 15.38 -8.27 4.93
N GLU A 21 16.55 -8.40 5.54
CA GLU A 21 17.80 -7.96 4.94
C GLU A 21 18.86 -9.05 5.06
N LEU A 22 19.66 -9.22 4.02
CA LEU A 22 20.75 -10.19 4.10
C LEU A 22 22.03 -9.37 4.25
N ILE A 23 22.85 -9.74 5.22
CA ILE A 23 24.08 -9.03 5.48
C ILE A 23 25.29 -9.91 5.22
N LEU A 24 26.22 -9.42 4.40
CA LEU A 24 27.43 -10.15 4.11
C LEU A 24 28.64 -9.24 4.34
N ASP A 25 29.42 -9.55 5.37
CA ASP A 25 30.59 -8.76 5.72
C ASP A 25 30.24 -7.30 5.98
N GLY A 26 29.15 -7.10 6.72
CA GLY A 26 28.72 -5.76 7.06
C GLY A 26 28.01 -5.00 5.98
N LYS A 27 27.74 -5.67 4.86
CA LYS A 27 27.06 -5.05 3.74
C LYS A 27 25.69 -5.71 3.46
N THR A 28 24.66 -4.90 3.24
CA THR A 28 23.34 -5.42 2.93
C THR A 28 23.39 -5.89 1.49
N VAL A 29 23.38 -7.20 1.29
CA VAL A 29 23.46 -7.77 -0.05
C VAL A 29 22.10 -8.11 -0.71
N ALA A 30 21.01 -8.02 0.05
CA ALA A 30 19.68 -8.34 -0.49
C ALA A 30 18.53 -7.93 0.44
N ILE A 31 17.43 -7.49 -0.19
CA ILE A 31 16.23 -7.05 0.53
C ILE A 31 14.94 -7.70 0.01
N CYS A 32 14.01 -8.00 0.92
CA CYS A 32 12.71 -8.58 0.57
C CYS A 32 11.83 -8.62 1.82
N CYS A 33 10.65 -9.25 1.74
CA CYS A 33 9.75 -9.33 2.90
C CYS A 33 9.54 -10.77 3.36
N ALA A 34 8.88 -10.92 4.50
CA ALA A 34 8.54 -12.23 5.07
C ALA A 34 7.14 -12.09 5.69
N THR A 35 6.28 -13.07 5.43
CA THR A 35 4.92 -13.02 5.97
C THR A 35 4.74 -14.02 7.11
N GLY A 36 4.49 -13.52 8.31
CA GLY A 36 4.28 -14.43 9.44
C GLY A 36 2.95 -15.16 9.27
N VAL A 37 2.93 -16.46 9.55
CA VAL A 37 1.68 -17.21 9.41
C VAL A 37 1.13 -17.82 10.70
N PHE A 38 2.03 -18.16 11.62
CA PHE A 38 1.65 -18.72 12.92
C PHE A 38 2.90 -18.88 13.79
N GLY A 39 2.71 -18.84 15.11
CA GLY A 39 3.83 -19.00 16.02
C GLY A 39 5.00 -18.12 15.60
N THR A 40 6.13 -18.75 15.30
CA THR A 40 7.32 -18.03 14.86
C THR A 40 7.66 -18.52 13.46
N ALA A 41 6.61 -18.80 12.67
CA ALA A 41 6.76 -19.30 11.32
C ALA A 41 6.51 -18.21 10.28
N TYR A 42 7.42 -18.10 9.32
CA TYR A 42 7.31 -17.09 8.28
C TYR A 42 7.51 -17.65 6.88
N LEU A 43 6.68 -17.22 5.93
CA LEU A 43 6.82 -17.62 4.55
C LEU A 43 7.81 -16.61 3.95
N VAL A 44 8.79 -17.10 3.21
CA VAL A 44 9.78 -16.23 2.59
C VAL A 44 10.13 -16.80 1.24
N PRO A 45 10.80 -15.99 0.39
CA PRO A 45 11.18 -16.46 -0.95
C PRO A 45 12.30 -17.48 -0.80
N ARG A 46 12.16 -18.62 -1.46
CA ARG A 46 13.19 -19.64 -1.37
C ARG A 46 14.47 -19.23 -2.08
N HIS A 47 14.34 -18.54 -3.22
CA HIS A 47 15.51 -18.13 -3.97
C HIS A 47 16.35 -17.14 -3.18
N LEU A 48 15.83 -16.78 -2.01
CA LEU A 48 16.53 -15.86 -1.12
C LEU A 48 17.83 -16.50 -0.61
N PHE A 49 17.76 -17.80 -0.31
CA PHE A 49 18.91 -18.54 0.22
C PHE A 49 19.99 -18.85 -0.80
N ALA A 50 19.75 -18.50 -2.06
CA ALA A 50 20.74 -18.75 -3.10
C ALA A 50 21.83 -17.67 -2.97
N GLU A 51 21.53 -16.67 -2.16
CA GLU A 51 22.43 -15.55 -1.93
C GLU A 51 23.47 -15.87 -0.88
N LYS A 52 24.65 -15.26 -0.99
CA LYS A 52 25.71 -15.48 -0.01
C LYS A 52 25.59 -14.40 1.06
N TYR A 53 25.44 -14.84 2.30
CA TYR A 53 25.28 -13.94 3.43
C TYR A 53 25.82 -14.66 4.66
N ASP A 54 25.87 -13.96 5.80
CA ASP A 54 26.32 -14.60 7.02
C ASP A 54 25.38 -14.23 8.18
N LYS A 55 24.50 -13.26 7.94
CA LYS A 55 23.53 -12.81 8.94
C LYS A 55 22.21 -12.41 8.27
N ILE A 56 21.10 -12.81 8.87
CA ILE A 56 19.79 -12.50 8.32
C ILE A 56 18.98 -11.66 9.31
N MET A 57 18.43 -10.56 8.84
CA MET A 57 17.64 -9.65 9.67
C MET A 57 16.15 -9.77 9.41
N LEU A 58 15.38 -10.08 10.45
CA LEU A 58 13.93 -10.20 10.33
C LEU A 58 13.30 -9.20 11.29
N ASP A 59 12.69 -8.16 10.74
CA ASP A 59 12.07 -7.13 11.57
C ASP A 59 13.06 -6.77 12.66
N GLY A 60 14.08 -5.99 12.29
CA GLY A 60 15.08 -5.55 13.24
C GLY A 60 15.99 -6.57 13.89
N ARG A 61 15.51 -7.79 14.08
CA ARG A 61 16.28 -8.86 14.71
C ARG A 61 17.32 -9.51 13.79
N ALA A 62 18.54 -9.68 14.30
CA ALA A 62 19.64 -10.28 13.53
C ALA A 62 19.82 -11.77 13.89
N MET A 63 20.13 -12.60 12.88
CA MET A 63 20.29 -14.04 13.10
C MET A 63 21.24 -14.73 12.13
N THR A 64 21.62 -15.95 12.50
CA THR A 64 22.49 -16.78 11.70
C THR A 64 21.72 -18.07 11.39
N ASP A 65 22.25 -18.89 10.50
CA ASP A 65 21.57 -20.13 10.13
C ASP A 65 21.31 -21.08 11.30
N SER A 66 21.80 -20.74 12.49
CA SER A 66 21.60 -21.61 13.65
C SER A 66 20.37 -21.24 14.49
N ASP A 67 19.73 -20.11 14.17
CA ASP A 67 18.56 -19.65 14.92
C ASP A 67 17.25 -20.04 14.26
N TYR A 68 17.27 -20.97 13.30
CA TYR A 68 16.05 -21.38 12.61
C TYR A 68 16.24 -22.54 11.64
N ARG A 69 15.13 -23.07 11.18
CA ARG A 69 15.11 -24.15 10.22
C ARG A 69 14.27 -23.65 9.05
N VAL A 70 14.54 -24.15 7.85
CA VAL A 70 13.77 -23.73 6.70
C VAL A 70 13.15 -24.95 6.05
N PHE A 71 11.82 -24.93 5.91
CA PHE A 71 11.11 -26.04 5.29
C PHE A 71 10.65 -25.67 3.88
N GLU A 72 10.92 -26.55 2.93
CA GLU A 72 10.51 -26.33 1.55
C GLU A 72 9.15 -26.96 1.28
N PHE A 73 8.50 -26.56 0.19
CA PHE A 73 7.20 -27.13 -0.18
C PHE A 73 7.33 -27.86 -1.51
N GLU A 74 6.95 -29.13 -1.51
CA GLU A 74 6.99 -29.92 -2.74
C GLU A 74 5.57 -29.91 -3.30
N ILE A 75 5.42 -29.45 -4.54
CA ILE A 75 4.09 -29.39 -5.13
C ILE A 75 3.94 -30.18 -6.44
N LYS A 76 2.75 -30.74 -6.63
CA LYS A 76 2.44 -31.55 -7.81
C LYS A 76 2.29 -30.72 -9.09
N VAL A 77 3.33 -30.78 -9.91
CA VAL A 77 3.34 -30.05 -11.17
C VAL A 77 2.98 -30.97 -12.31
N LYS A 78 1.71 -30.92 -12.71
CA LYS A 78 1.19 -31.75 -13.79
C LYS A 78 1.36 -33.25 -13.50
N GLY A 79 1.48 -33.58 -12.21
CA GLY A 79 1.65 -34.97 -11.80
C GLY A 79 2.91 -35.15 -10.98
N GLN A 80 4.03 -34.64 -11.51
CA GLN A 80 5.33 -34.74 -10.84
C GLN A 80 5.39 -33.81 -9.63
N ASP A 81 6.51 -33.82 -8.92
CA ASP A 81 6.67 -32.97 -7.74
C ASP A 81 7.84 -32.00 -7.84
N MET A 82 7.54 -30.71 -7.83
CA MET A 82 8.58 -29.69 -7.90
C MET A 82 8.62 -28.87 -6.62
N LEU A 83 9.66 -28.07 -6.48
CA LEU A 83 9.83 -27.23 -5.30
C LEU A 83 9.31 -25.80 -5.44
N SER A 84 8.41 -25.43 -4.54
CA SER A 84 7.81 -24.10 -4.51
C SER A 84 8.83 -23.05 -4.09
N ASP A 85 8.68 -21.82 -4.59
CA ASP A 85 9.58 -20.74 -4.23
C ASP A 85 9.16 -20.10 -2.90
N ALA A 86 8.13 -20.68 -2.30
CA ALA A 86 7.65 -20.20 -1.01
C ALA A 86 8.17 -21.20 0.00
N ALA A 87 8.93 -20.71 0.98
CA ALA A 87 9.47 -21.59 1.99
C ALA A 87 9.01 -21.12 3.36
N LEU A 88 8.99 -22.04 4.31
CA LEU A 88 8.57 -21.67 5.64
C LEU A 88 9.82 -21.61 6.52
N MET A 89 10.10 -20.44 7.07
CA MET A 89 11.25 -20.26 7.94
C MET A 89 10.76 -20.23 9.38
N VAL A 90 11.15 -21.23 10.18
CA VAL A 90 10.71 -21.27 11.56
C VAL A 90 11.83 -20.94 12.56
N LEU A 91 11.66 -19.83 13.28
CA LEU A 91 12.66 -19.41 14.25
C LEU A 91 12.55 -20.26 15.51
N HIS A 92 13.69 -20.77 16.00
CA HIS A 92 13.67 -21.57 17.23
C HIS A 92 12.96 -20.82 18.37
N ARG A 93 13.17 -19.52 18.46
CA ARG A 93 12.53 -18.75 19.53
C ARG A 93 12.21 -17.34 19.09
N GLY A 94 11.14 -16.76 19.63
CA GLY A 94 10.78 -15.39 19.30
C GLY A 94 9.34 -15.02 19.62
N ASN A 95 9.00 -13.73 19.51
CA ASN A 95 7.62 -13.31 19.76
C ASN A 95 6.77 -13.97 18.68
N LYS A 96 5.59 -14.47 19.05
CA LYS A 96 4.70 -15.11 18.08
C LYS A 96 3.90 -14.09 17.24
N VAL A 97 3.34 -14.57 16.13
CA VAL A 97 2.54 -13.71 15.26
C VAL A 97 1.10 -14.23 15.24
N ARG A 98 0.19 -13.43 14.68
CA ARG A 98 -1.21 -13.80 14.60
C ARG A 98 -1.36 -14.97 13.66
N ASP A 99 -1.93 -16.07 14.16
CA ASP A 99 -2.14 -17.26 13.32
C ASP A 99 -3.14 -16.88 12.23
N ILE A 100 -2.69 -16.87 10.97
CA ILE A 100 -3.58 -16.52 9.86
C ILE A 100 -3.70 -17.61 8.83
N THR A 101 -3.33 -18.85 9.18
CA THR A 101 -3.41 -19.95 8.23
C THR A 101 -4.81 -20.24 7.67
N LYS A 102 -5.85 -20.09 8.49
CA LYS A 102 -7.19 -20.36 8.00
C LYS A 102 -7.60 -19.45 6.83
N HIS A 103 -6.82 -18.41 6.57
CA HIS A 103 -7.15 -17.49 5.49
C HIS A 103 -6.52 -17.84 4.17
N PHE A 104 -5.99 -19.06 4.10
CA PHE A 104 -5.40 -19.58 2.90
C PHE A 104 -6.44 -20.58 2.37
N ARG A 105 -6.16 -21.19 1.22
CA ARG A 105 -7.07 -22.18 0.62
C ARG A 105 -6.24 -23.33 0.10
N ASP A 106 -6.93 -24.32 -0.47
CA ASP A 106 -6.26 -25.49 -1.02
C ASP A 106 -6.37 -25.55 -2.53
N THR A 107 -7.24 -24.71 -3.09
CA THR A 107 -7.42 -24.69 -4.54
C THR A 107 -7.61 -23.27 -5.03
N ALA A 108 -7.40 -23.07 -6.33
CA ALA A 108 -7.57 -21.76 -6.94
C ALA A 108 -9.02 -21.34 -6.70
N ARG A 109 -9.23 -20.10 -6.27
CA ARG A 109 -10.57 -19.61 -5.99
C ARG A 109 -10.92 -18.35 -6.78
N MET A 110 -9.92 -17.50 -7.02
CA MET A 110 -10.15 -16.25 -7.73
C MET A 110 -10.38 -16.37 -9.24
N LYS A 111 -11.39 -15.64 -9.73
CA LYS A 111 -11.75 -15.62 -11.14
C LYS A 111 -10.91 -14.58 -11.87
N LYS A 112 -10.52 -14.89 -13.11
CA LYS A 112 -9.71 -13.97 -13.89
C LYS A 112 -10.44 -12.63 -14.02
N GLY A 113 -9.71 -11.54 -13.80
CA GLY A 113 -10.29 -10.22 -13.90
C GLY A 113 -10.64 -9.59 -12.56
N THR A 114 -10.51 -10.34 -11.48
CA THR A 114 -10.83 -9.80 -10.16
C THR A 114 -9.64 -9.06 -9.53
N PRO A 115 -9.91 -8.26 -8.48
CA PRO A 115 -8.91 -7.46 -7.76
C PRO A 115 -7.92 -8.26 -6.90
N VAL A 116 -6.66 -7.84 -7.00
CA VAL A 116 -5.59 -8.46 -6.23
C VAL A 116 -4.89 -7.36 -5.42
N VAL A 117 -4.50 -7.69 -4.20
CA VAL A 117 -3.83 -6.72 -3.36
C VAL A 117 -2.53 -7.32 -2.82
N GLY A 118 -1.43 -6.61 -3.00
CA GLY A 118 -0.15 -7.10 -2.52
C GLY A 118 0.26 -6.33 -1.29
N VAL A 119 0.65 -7.03 -0.23
CA VAL A 119 1.06 -6.37 1.00
C VAL A 119 2.58 -6.50 1.18
N VAL A 120 3.29 -5.38 1.03
CA VAL A 120 4.75 -5.35 1.13
C VAL A 120 5.30 -4.49 2.28
N ASN A 121 6.38 -4.97 2.91
CA ASN A 121 7.02 -4.22 3.99
C ASN A 121 8.53 -4.50 4.01
N ASN A 122 9.30 -3.73 3.23
CA ASN A 122 10.74 -3.94 3.19
C ASN A 122 11.54 -2.65 3.35
N ALA A 123 12.83 -2.79 3.66
CA ALA A 123 13.73 -1.66 3.87
C ALA A 123 13.88 -0.67 2.71
N ASP A 124 13.41 -1.01 1.52
CA ASP A 124 13.57 -0.11 0.38
C ASP A 124 12.38 0.84 0.11
N VAL A 125 11.19 0.42 0.50
CA VAL A 125 9.99 1.23 0.27
C VAL A 125 9.18 1.42 1.54
N GLY A 126 9.49 0.65 2.58
CA GLY A 126 8.72 0.76 3.80
C GLY A 126 7.42 0.03 3.56
N ARG A 127 6.41 0.27 4.39
CA ARG A 127 5.13 -0.40 4.19
C ARG A 127 4.52 0.09 2.89
N LEU A 128 4.19 -0.83 1.99
CA LEU A 128 3.61 -0.47 0.70
C LEU A 128 2.52 -1.45 0.27
N ILE A 129 1.47 -0.93 -0.34
CA ILE A 129 0.40 -1.80 -0.80
C ILE A 129 0.18 -1.59 -2.29
N PHE A 130 0.27 -2.66 -3.07
CA PHE A 130 0.03 -2.54 -4.51
C PHE A 130 -1.22 -3.32 -4.96
N SER A 131 -1.86 -2.80 -5.99
CA SER A 131 -3.06 -3.43 -6.52
C SER A 131 -2.75 -4.20 -7.79
N GLY A 132 -3.61 -5.16 -8.10
CA GLY A 132 -3.42 -5.96 -9.28
C GLY A 132 -4.72 -6.54 -9.78
N GLU A 133 -4.65 -7.16 -10.94
CA GLU A 133 -5.81 -7.77 -11.59
C GLU A 133 -5.50 -9.23 -11.82
N ALA A 134 -6.39 -10.10 -11.35
CA ALA A 134 -6.20 -11.53 -11.50
C ALA A 134 -6.14 -12.02 -12.94
N LEU A 135 -5.24 -12.95 -13.20
CA LEU A 135 -5.11 -13.57 -14.52
C LEU A 135 -5.39 -15.05 -14.25
N THR A 136 -4.43 -15.93 -14.48
CA THR A 136 -4.69 -17.34 -14.23
C THR A 136 -3.54 -18.08 -13.53
N TYR A 137 -3.88 -19.24 -12.96
CA TYR A 137 -2.90 -20.08 -12.29
C TYR A 137 -1.91 -20.57 -13.35
N LYS A 138 -0.66 -20.83 -12.94
CA LYS A 138 0.37 -21.31 -13.86
C LYS A 138 1.03 -22.52 -13.21
N ASP A 139 1.17 -23.60 -13.97
CA ASP A 139 1.81 -24.82 -13.44
C ASP A 139 3.30 -24.54 -13.28
N ILE A 140 3.88 -23.98 -14.33
CA ILE A 140 5.30 -23.71 -14.30
C ILE A 140 5.61 -22.42 -15.04
N VAL A 141 6.57 -21.67 -14.52
CA VAL A 141 6.98 -20.42 -15.14
C VAL A 141 8.49 -20.36 -15.22
N VAL A 142 9.01 -20.22 -16.43
CA VAL A 142 10.45 -20.13 -16.60
C VAL A 142 10.81 -18.67 -16.40
N LEU A 143 11.85 -18.42 -15.60
CA LEU A 143 12.25 -17.05 -15.33
C LEU A 143 13.30 -16.47 -16.27
N MET A 144 13.57 -15.19 -16.08
CA MET A 144 14.54 -14.45 -16.89
C MET A 144 15.92 -15.09 -16.88
N ASP A 145 16.38 -15.50 -15.70
CA ASP A 145 17.68 -16.12 -15.56
C ASP A 145 17.67 -17.61 -15.92
N GLY A 146 16.53 -18.10 -16.40
CA GLY A 146 16.44 -19.49 -16.78
C GLY A 146 15.99 -20.43 -15.68
N ASP A 147 15.78 -19.91 -14.48
CA ASP A 147 15.34 -20.76 -13.38
C ASP A 147 13.84 -21.07 -13.53
N THR A 148 13.37 -22.11 -12.84
CA THR A 148 11.95 -22.49 -12.92
C THR A 148 11.23 -22.40 -11.58
N MET A 149 9.94 -22.02 -11.62
CA MET A 149 9.12 -21.95 -10.41
C MET A 149 7.77 -22.60 -10.66
N PRO A 150 7.32 -23.46 -9.73
CA PRO A 150 6.03 -24.16 -9.85
C PRO A 150 4.86 -23.51 -9.11
N GLY A 151 3.64 -23.89 -9.50
CA GLY A 151 2.43 -23.39 -8.85
C GLY A 151 2.31 -21.90 -8.62
N LEU A 152 2.24 -21.14 -9.70
CA LEU A 152 2.14 -19.69 -9.60
C LEU A 152 0.75 -19.17 -9.91
N PHE A 153 0.49 -17.96 -9.47
CA PHE A 153 -0.77 -17.30 -9.74
C PHE A 153 -0.34 -15.97 -10.35
N ALA A 154 -0.80 -15.68 -11.56
CA ALA A 154 -0.42 -14.43 -12.23
C ALA A 154 -1.44 -13.34 -12.05
N TYR A 155 -0.98 -12.10 -12.21
CA TYR A 155 -1.83 -10.92 -12.10
C TYR A 155 -1.17 -9.73 -12.81
N LYS A 156 -2.00 -8.88 -13.39
CA LYS A 156 -1.50 -7.69 -14.07
C LYS A 156 -1.19 -6.69 -12.98
N ALA A 157 0.06 -6.27 -12.91
CA ALA A 157 0.44 -5.32 -11.89
C ALA A 157 1.85 -4.79 -12.08
N ALA A 158 2.14 -3.65 -11.46
CA ALA A 158 3.46 -3.06 -11.53
C ALA A 158 4.16 -3.45 -10.25
N THR A 159 5.03 -4.45 -10.33
CA THR A 159 5.78 -4.91 -9.16
C THR A 159 7.26 -4.59 -9.39
N ARG A 160 8.02 -4.49 -8.30
CA ARG A 160 9.42 -4.15 -8.41
C ARG A 160 10.26 -5.13 -7.60
N ALA A 161 11.58 -5.02 -7.73
CA ALA A 161 12.49 -5.86 -6.96
C ALA A 161 12.38 -5.48 -5.48
N GLY A 162 12.26 -6.49 -4.64
CA GLY A 162 12.13 -6.27 -3.21
C GLY A 162 10.77 -6.67 -2.71
N TYR A 163 9.82 -6.84 -3.63
CA TYR A 163 8.44 -7.21 -3.28
C TYR A 163 8.24 -8.67 -2.92
N ALA A 164 9.18 -9.53 -3.33
CA ALA A 164 9.07 -10.96 -3.04
C ALA A 164 8.98 -11.22 -1.53
N GLY A 165 8.02 -12.05 -1.15
CA GLY A 165 7.82 -12.35 0.25
C GLY A 165 6.56 -11.63 0.72
N GLY A 166 6.11 -10.65 -0.06
CA GLY A 166 4.91 -9.93 0.29
C GLY A 166 3.70 -10.83 0.10
N ALA A 167 2.74 -10.74 1.02
CA ALA A 167 1.52 -11.56 0.93
C ALA A 167 0.61 -11.04 -0.16
N VAL A 168 0.08 -11.95 -0.98
CA VAL A 168 -0.84 -11.54 -2.04
C VAL A 168 -2.23 -12.01 -1.64
N LEU A 169 -3.19 -11.09 -1.64
CA LEU A 169 -4.56 -11.41 -1.25
C LEU A 169 -5.45 -11.37 -2.47
N ALA A 170 -6.45 -12.25 -2.51
CA ALA A 170 -7.35 -12.30 -3.64
C ALA A 170 -8.77 -12.49 -3.19
N LYS A 171 -9.70 -12.36 -4.13
CA LYS A 171 -11.11 -12.52 -3.81
C LYS A 171 -11.58 -13.97 -3.96
N ASP A 172 -12.22 -14.48 -2.91
CA ASP A 172 -12.78 -15.82 -2.90
C ASP A 172 -14.28 -15.53 -2.87
N GLY A 173 -14.88 -15.41 -4.05
CA GLY A 173 -16.29 -15.07 -4.11
C GLY A 173 -16.42 -13.65 -3.61
N ALA A 174 -17.09 -13.47 -2.47
CA ALA A 174 -17.26 -12.15 -1.88
C ALA A 174 -16.17 -11.92 -0.85
N ASP A 175 -15.67 -13.01 -0.26
CA ASP A 175 -14.64 -12.94 0.76
C ASP A 175 -13.24 -12.87 0.17
N THR A 176 -12.29 -12.34 0.95
CA THR A 176 -10.91 -12.25 0.52
C THR A 176 -10.11 -13.35 1.20
N PHE A 177 -9.00 -13.76 0.58
CA PHE A 177 -8.16 -14.81 1.15
C PHE A 177 -6.71 -14.61 0.72
N ILE A 178 -5.80 -15.33 1.36
CA ILE A 178 -4.38 -15.21 1.04
C ILE A 178 -3.96 -16.27 0.04
N VAL A 179 -3.40 -15.83 -1.09
CA VAL A 179 -2.93 -16.74 -2.12
C VAL A 179 -1.57 -17.31 -1.75
N GLY A 180 -0.62 -16.40 -1.56
CA GLY A 180 0.73 -16.82 -1.22
C GLY A 180 1.62 -15.60 -1.17
N THR A 181 2.92 -15.80 -1.37
CA THR A 181 3.88 -14.70 -1.35
C THR A 181 4.35 -14.32 -2.77
N HIS A 182 4.46 -13.02 -3.02
CA HIS A 182 4.93 -12.54 -4.33
C HIS A 182 6.36 -13.14 -4.57
N SER A 183 6.66 -13.54 -5.81
CA SER A 183 7.96 -14.15 -6.12
C SER A 183 8.70 -13.58 -7.31
N ALA A 184 7.95 -13.20 -8.34
CA ALA A 184 8.58 -12.68 -9.54
C ALA A 184 7.72 -11.67 -10.27
N GLY A 185 8.34 -10.92 -11.18
CA GLY A 185 7.59 -9.94 -11.93
C GLY A 185 8.35 -9.36 -13.11
N GLY A 186 7.60 -8.71 -13.99
CA GLY A 186 8.23 -8.11 -15.16
C GLY A 186 7.27 -7.91 -16.30
N ASN A 187 7.44 -6.79 -17.00
CA ASN A 187 6.63 -6.45 -18.16
C ASN A 187 5.13 -6.35 -17.86
N GLY A 188 4.79 -5.76 -16.72
CA GLY A 188 3.39 -5.57 -16.37
C GLY A 188 2.64 -6.68 -15.68
N VAL A 189 3.30 -7.80 -15.40
CA VAL A 189 2.62 -8.89 -14.73
C VAL A 189 3.43 -9.44 -13.54
N GLY A 190 2.72 -9.69 -12.43
CA GLY A 190 3.33 -10.21 -11.22
C GLY A 190 2.98 -11.67 -11.01
N TYR A 191 3.85 -12.39 -10.32
CA TYR A 191 3.62 -13.81 -10.06
C TYR A 191 3.92 -14.16 -8.62
N CYS A 192 2.98 -14.80 -7.93
CA CYS A 192 3.23 -15.21 -6.56
C CYS A 192 3.09 -16.72 -6.44
N SER A 193 3.89 -17.31 -5.56
CA SER A 193 3.85 -18.74 -5.32
C SER A 193 2.63 -19.12 -4.50
N CYS A 194 1.83 -20.05 -5.01
CA CYS A 194 0.64 -20.48 -4.30
C CYS A 194 1.02 -21.31 -3.07
N VAL A 195 0.34 -21.05 -1.96
CA VAL A 195 0.59 -21.77 -0.73
C VAL A 195 -0.69 -22.43 -0.20
N SER A 196 -0.60 -23.73 0.05
CA SER A 196 -1.72 -24.53 0.53
C SER A 196 -2.01 -24.41 2.02
N ARG A 197 -3.27 -24.15 2.35
CA ARG A 197 -3.69 -24.03 3.74
C ARG A 197 -3.38 -25.35 4.46
N SER A 198 -3.61 -26.47 3.78
CA SER A 198 -3.36 -27.78 4.38
C SER A 198 -1.88 -28.04 4.62
N MET A 199 -1.03 -27.51 3.74
CA MET A 199 0.41 -27.68 3.91
C MET A 199 0.84 -26.87 5.15
N LEU A 200 0.24 -25.71 5.35
CA LEU A 200 0.59 -24.90 6.51
C LEU A 200 0.08 -25.56 7.79
N GLN A 201 -1.14 -26.09 7.75
CA GLN A 201 -1.75 -26.74 8.90
C GLN A 201 -0.95 -27.96 9.35
N LYS A 202 -0.44 -28.73 8.38
CA LYS A 202 0.35 -29.92 8.66
C LYS A 202 1.71 -29.49 9.22
N MET A 203 2.28 -28.47 8.60
CA MET A 203 3.58 -27.93 9.00
C MET A 203 3.51 -27.35 10.41
N LYS A 204 2.31 -26.99 10.85
CA LYS A 204 2.12 -26.42 12.18
C LYS A 204 2.18 -27.52 13.23
N ALA A 205 1.62 -28.68 12.88
CA ALA A 205 1.62 -29.83 13.78
C ALA A 205 3.04 -30.39 13.95
N HIS A 206 3.73 -30.58 12.83
CA HIS A 206 5.09 -31.11 12.79
C HIS A 206 6.11 -30.24 13.53
N VAL A 207 5.88 -28.93 13.56
CA VAL A 207 6.79 -28.00 14.23
C VAL A 207 6.24 -27.55 15.59
N ASP A 208 5.73 -26.32 15.65
CA ASP A 208 5.17 -25.73 16.87
C ASP A 208 4.94 -26.73 18.01
N THR B 7 13.96 9.68 -4.79
CA THR B 7 13.20 10.95 -5.05
C THR B 7 13.06 11.77 -3.79
N ASP B 8 13.63 12.97 -3.81
CA ASP B 8 13.55 13.87 -2.67
C ASP B 8 12.09 14.32 -2.52
N LEU B 9 11.34 14.22 -3.62
CA LEU B 9 9.93 14.60 -3.62
C LEU B 9 9.14 13.64 -2.73
N GLN B 10 9.29 12.34 -2.97
CA GLN B 10 8.60 11.34 -2.15
C GLN B 10 8.94 11.61 -0.69
N LYS B 11 10.13 12.18 -0.46
CA LYS B 11 10.59 12.52 0.87
C LYS B 11 9.82 13.71 1.40
N MET B 12 9.85 14.80 0.64
CA MET B 12 9.17 16.03 1.01
C MET B 12 7.69 15.85 1.32
N VAL B 13 6.99 15.15 0.43
CA VAL B 13 5.57 14.92 0.60
C VAL B 13 5.27 14.08 1.84
N MET B 14 6.02 13.01 1.99
CA MET B 14 5.86 12.11 3.12
C MET B 14 6.02 12.92 4.42
N GLY B 15 7.02 13.80 4.42
CA GLY B 15 7.26 14.64 5.60
C GLY B 15 6.18 15.68 5.88
N ASN B 16 5.42 16.09 4.87
CA ASN B 16 4.35 17.07 5.04
C ASN B 16 3.01 16.43 5.38
N THR B 17 2.87 15.14 5.13
CA THR B 17 1.63 14.45 5.43
C THR B 17 1.50 14.20 6.91
N LYS B 18 0.42 14.72 7.50
CA LYS B 18 0.17 14.58 8.93
C LYS B 18 -1.20 13.94 9.21
N PRO B 19 -1.30 13.16 10.30
CA PRO B 19 -2.56 12.50 10.66
C PRO B 19 -3.60 13.44 11.26
N VAL B 20 -4.86 13.23 10.87
CA VAL B 20 -5.99 14.02 11.35
C VAL B 20 -6.98 13.18 12.12
N GLU B 21 -7.60 13.77 13.14
CA GLU B 21 -8.60 13.05 13.95
C GLU B 21 -9.66 14.02 14.45
N LEU B 22 -10.94 13.67 14.28
CA LEU B 22 -12.04 14.49 14.76
C LEU B 22 -12.47 13.93 16.09
N ILE B 23 -12.72 14.83 17.05
CA ILE B 23 -13.11 14.43 18.39
C ILE B 23 -14.48 14.98 18.75
N LEU B 24 -15.31 14.13 19.34
CA LEU B 24 -16.65 14.53 19.79
C LEU B 24 -16.92 13.88 21.14
N ASP B 25 -17.05 14.70 22.18
CA ASP B 25 -17.30 14.20 23.52
C ASP B 25 -16.13 13.35 24.03
N GLY B 26 -14.92 13.83 23.80
CA GLY B 26 -13.72 13.13 24.25
C GLY B 26 -13.32 11.87 23.49
N LYS B 27 -14.18 11.41 22.58
CA LYS B 27 -13.89 10.22 21.79
C LYS B 27 -13.62 10.50 20.32
N THR B 28 -12.62 9.83 19.77
CA THR B 28 -12.24 9.95 18.37
C THR B 28 -13.36 9.38 17.51
N VAL B 29 -13.88 10.18 16.58
CA VAL B 29 -14.97 9.76 15.73
C VAL B 29 -14.68 9.75 14.22
N ALA B 30 -13.46 10.10 13.84
CA ALA B 30 -13.10 10.13 12.42
C ALA B 30 -11.59 10.23 12.24
N ILE B 31 -11.10 9.62 11.16
CA ILE B 31 -9.68 9.61 10.86
C ILE B 31 -9.35 9.83 9.39
N CYS B 32 -8.29 10.57 9.13
CA CYS B 32 -7.84 10.81 7.76
C CYS B 32 -6.48 11.51 7.75
N CYS B 33 -6.07 11.97 6.57
CA CYS B 33 -4.78 12.63 6.45
C CYS B 33 -4.88 14.08 6.03
N ALA B 34 -3.79 14.79 6.24
CA ALA B 34 -3.71 16.18 5.85
C ALA B 34 -2.36 16.31 5.14
N THR B 35 -2.34 16.98 3.99
CA THR B 35 -1.08 17.15 3.27
C THR B 35 -0.66 18.61 3.28
N GLY B 36 0.37 18.93 4.07
CA GLY B 36 0.86 20.30 4.15
C GLY B 36 1.34 20.77 2.79
N VAL B 37 0.96 21.98 2.37
CA VAL B 37 1.38 22.49 1.05
C VAL B 37 2.31 23.69 1.13
N PHE B 38 2.21 24.46 2.21
CA PHE B 38 3.06 25.63 2.41
C PHE B 38 2.63 26.36 3.68
N GLY B 39 3.55 27.06 4.32
CA GLY B 39 3.26 27.80 5.54
C GLY B 39 2.56 26.89 6.51
N THR B 40 1.34 27.27 6.90
CA THR B 40 0.54 26.47 7.81
C THR B 40 -0.78 26.15 7.10
N ALA B 41 -0.64 25.85 5.81
CA ALA B 41 -1.77 25.49 4.95
C ALA B 41 -1.75 23.98 4.67
N TYR B 42 -2.90 23.33 4.84
CA TYR B 42 -3.01 21.88 4.63
C TYR B 42 -4.17 21.49 3.73
N LEU B 43 -3.94 20.53 2.82
CA LEU B 43 -5.02 20.05 1.96
C LEU B 43 -5.72 18.97 2.78
N VAL B 44 -7.05 18.97 2.72
CA VAL B 44 -7.86 18.01 3.49
C VAL B 44 -9.19 17.70 2.82
N PRO B 45 -9.74 16.50 3.04
CA PRO B 45 -11.02 16.15 2.40
C PRO B 45 -12.08 17.13 2.88
N ARG B 46 -12.81 17.74 1.95
CA ARG B 46 -13.83 18.68 2.38
C ARG B 46 -14.95 17.95 3.10
N HIS B 47 -15.27 16.73 2.67
CA HIS B 47 -16.35 16.01 3.33
C HIS B 47 -16.04 15.73 4.79
N LEU B 48 -14.83 16.12 5.20
CA LEU B 48 -14.39 15.93 6.58
C LEU B 48 -15.16 16.84 7.54
N PHE B 49 -15.55 18.02 7.07
CA PHE B 49 -16.27 19.00 7.88
C PHE B 49 -17.76 18.76 7.92
N ALA B 50 -18.21 17.76 7.18
CA ALA B 50 -19.63 17.41 7.16
C ALA B 50 -19.96 16.61 8.40
N GLU B 51 -18.94 16.24 9.16
CA GLU B 51 -19.13 15.46 10.37
C GLU B 51 -19.26 16.38 11.58
N LYS B 52 -19.88 15.90 12.65
CA LYS B 52 -20.04 16.70 13.86
C LYS B 52 -18.81 16.48 14.75
N TYR B 53 -18.29 17.56 15.33
CA TYR B 53 -17.10 17.42 16.17
C TYR B 53 -16.88 18.64 17.08
N ASP B 54 -16.04 18.46 18.10
CA ASP B 54 -15.74 19.54 19.04
C ASP B 54 -14.37 20.11 18.73
N LYS B 55 -13.41 19.21 18.50
CA LYS B 55 -12.05 19.62 18.21
C LYS B 55 -11.46 18.80 17.06
N ILE B 56 -10.42 19.34 16.43
CA ILE B 56 -9.74 18.66 15.33
C ILE B 56 -8.28 18.51 15.74
N MET B 57 -7.74 17.31 15.64
CA MET B 57 -6.35 17.10 16.00
C MET B 57 -5.50 16.92 14.77
N LEU B 58 -4.57 17.85 14.60
CA LEU B 58 -3.66 17.82 13.46
C LEU B 58 -2.27 17.49 13.98
N ASP B 59 -1.81 16.28 13.70
CA ASP B 59 -0.49 15.85 14.15
C ASP B 59 -0.39 15.92 15.69
N GLY B 60 -1.46 15.53 16.37
CA GLY B 60 -1.46 15.56 17.82
C GLY B 60 -1.84 16.89 18.46
N ARG B 61 -1.94 17.94 17.65
CA ARG B 61 -2.31 19.27 18.12
C ARG B 61 -3.83 19.50 18.07
N ALA B 62 -4.46 19.64 19.23
CA ALA B 62 -5.90 19.86 19.29
C ALA B 62 -6.24 21.33 19.06
N MET B 63 -7.25 21.58 18.24
CA MET B 63 -7.68 22.94 17.93
C MET B 63 -9.20 23.00 17.78
N THR B 64 -9.74 24.21 17.78
CA THR B 64 -11.16 24.44 17.61
C THR B 64 -11.29 25.28 16.35
N ASP B 65 -12.53 25.51 15.93
CA ASP B 65 -12.78 26.29 14.73
C ASP B 65 -12.26 27.73 14.80
N SER B 66 -11.88 28.18 15.98
CA SER B 66 -11.34 29.54 16.08
C SER B 66 -9.82 29.54 15.90
N ASP B 67 -9.26 28.39 15.54
CA ASP B 67 -7.82 28.28 15.33
C ASP B 67 -7.38 28.24 13.86
N TYR B 68 -8.33 28.18 12.93
CA TYR B 68 -7.98 28.12 11.51
C TYR B 68 -9.10 28.57 10.60
N ARG B 69 -8.76 28.69 9.31
CA ARG B 69 -9.71 29.06 8.26
C ARG B 69 -9.69 27.94 7.22
N VAL B 70 -10.84 27.70 6.62
CA VAL B 70 -10.98 26.67 5.62
C VAL B 70 -11.51 27.28 4.34
N PHE B 71 -10.67 27.31 3.31
CA PHE B 71 -11.06 27.84 2.01
C PHE B 71 -11.50 26.70 1.12
N GLU B 72 -12.50 26.94 0.28
CA GLU B 72 -12.98 25.90 -0.63
C GLU B 72 -12.47 26.22 -2.03
N PHE B 73 -12.68 25.32 -2.94
CA PHE B 73 -12.25 25.53 -4.32
C PHE B 73 -13.45 25.55 -5.27
N GLU B 74 -13.52 26.62 -6.02
CA GLU B 74 -14.45 26.59 -7.08
C GLU B 74 -13.59 25.82 -8.09
N ILE B 75 -14.21 25.04 -8.89
CA ILE B 75 -13.54 24.25 -9.90
C ILE B 75 -14.59 24.25 -11.00
N LYS B 76 -14.31 24.84 -12.14
CA LYS B 76 -15.33 24.96 -13.19
C LYS B 76 -15.58 23.69 -14.01
N VAL B 77 -16.85 23.32 -14.12
CA VAL B 77 -17.27 22.14 -14.88
C VAL B 77 -18.55 22.46 -15.66
N LYS B 78 -18.61 22.00 -16.91
CA LYS B 78 -19.76 22.21 -17.77
C LYS B 78 -20.39 23.59 -17.60
N MET B 82 -18.88 24.24 -9.34
CA MET B 82 -18.89 23.13 -8.39
C MET B 82 -17.76 23.18 -7.34
N LEU B 83 -18.03 22.64 -6.17
CA LEU B 83 -17.06 22.64 -5.08
C LEU B 83 -16.26 21.35 -5.03
N SER B 84 -14.94 21.42 -5.16
CA SER B 84 -14.14 20.21 -5.13
C SER B 84 -14.08 19.67 -3.70
N ASP B 85 -13.66 18.40 -3.57
CA ASP B 85 -13.56 17.76 -2.26
C ASP B 85 -12.22 18.05 -1.60
N ALA B 86 -11.42 18.88 -2.26
CA ALA B 86 -10.12 19.27 -1.74
C ALA B 86 -10.24 20.67 -1.16
N ALA B 87 -10.24 20.73 0.17
CA ALA B 87 -10.34 22.01 0.86
C ALA B 87 -8.96 22.35 1.40
N LEU B 88 -8.71 23.64 1.62
CA LEU B 88 -7.43 24.08 2.14
C LEU B 88 -7.65 24.62 3.55
N MET B 89 -7.01 23.99 4.54
CA MET B 89 -7.13 24.39 5.94
C MET B 89 -5.89 25.16 6.37
N VAL B 90 -6.07 26.42 6.74
CA VAL B 90 -4.97 27.29 7.13
C VAL B 90 -5.00 27.65 8.62
N LEU B 91 -3.98 27.22 9.36
CA LEU B 91 -3.93 27.49 10.80
C LEU B 91 -3.46 28.92 10.99
N HIS B 92 -4.00 29.60 11.99
CA HIS B 92 -3.60 30.98 12.26
C HIS B 92 -2.11 31.01 12.61
N ARG B 93 -1.69 30.09 13.47
CA ARG B 93 -0.29 29.96 13.87
C ARG B 93 0.11 28.49 13.84
N GLY B 94 1.40 28.23 13.67
CA GLY B 94 1.87 26.86 13.62
C GLY B 94 3.28 26.72 13.09
N ASN B 95 3.77 25.48 13.04
CA ASN B 95 5.11 25.21 12.54
C ASN B 95 5.08 24.99 11.03
N LYS B 96 5.87 25.79 10.30
CA LYS B 96 5.94 25.70 8.84
C LYS B 96 6.17 24.31 8.25
N VAL B 97 5.67 24.12 7.02
CA VAL B 97 5.87 22.86 6.31
C VAL B 97 6.66 23.25 5.06
N ARG B 98 7.21 22.27 4.35
CA ARG B 98 7.95 22.61 3.14
C ARG B 98 6.98 23.08 2.07
N ASP B 99 7.42 24.09 1.31
CA ASP B 99 6.61 24.66 0.24
C ASP B 99 6.76 23.80 -1.01
N ILE B 100 5.75 22.98 -1.30
CA ILE B 100 5.81 22.10 -2.45
C ILE B 100 4.83 22.46 -3.55
N THR B 101 4.26 23.66 -3.51
CA THR B 101 3.32 24.06 -4.55
C THR B 101 3.93 23.90 -5.95
N LYS B 102 5.25 24.01 -6.03
CA LYS B 102 5.96 23.89 -7.30
C LYS B 102 5.97 22.48 -7.85
N HIS B 103 5.30 21.56 -7.17
CA HIS B 103 5.26 20.18 -7.63
C HIS B 103 3.89 19.77 -8.12
N PHE B 104 2.96 20.73 -8.13
CA PHE B 104 1.62 20.48 -8.64
C PHE B 104 1.71 20.90 -10.09
N ARG B 105 0.64 20.79 -10.86
CA ARG B 105 0.75 21.18 -12.26
C ARG B 105 -0.45 21.81 -12.91
N ASP B 106 -0.26 22.07 -14.20
CA ASP B 106 -1.20 22.64 -15.15
C ASP B 106 -0.39 22.37 -16.41
N THR B 107 0.90 22.66 -16.27
CA THR B 107 1.91 22.50 -17.31
C THR B 107 2.17 21.04 -17.68
N ALA B 108 1.09 20.25 -17.74
CA ALA B 108 1.18 18.83 -18.07
C ALA B 108 -0.13 18.13 -17.73
N ARG B 109 -0.14 16.81 -17.89
CA ARG B 109 -1.32 16.01 -17.61
C ARG B 109 -0.96 14.54 -17.78
N MET B 110 -1.46 13.71 -16.87
CA MET B 110 -1.19 12.27 -16.88
C MET B 110 -1.58 11.59 -18.19
N LYS B 111 -1.72 10.27 -18.15
CA LYS B 111 -2.07 9.47 -19.32
C LYS B 111 -2.26 8.01 -18.90
N LYS B 112 -3.47 7.50 -19.06
CA LYS B 112 -3.79 6.12 -18.68
C LYS B 112 -2.58 5.21 -18.64
N GLY B 113 -2.41 4.49 -17.53
CA GLY B 113 -1.29 3.58 -17.40
C GLY B 113 -0.17 4.08 -16.48
N THR B 114 0.27 5.31 -16.67
CA THR B 114 1.35 5.90 -15.87
C THR B 114 1.23 5.58 -14.38
N PRO B 115 2.36 5.25 -13.74
CA PRO B 115 2.44 4.91 -12.31
C PRO B 115 1.84 5.97 -11.40
N VAL B 116 1.14 5.52 -10.35
CA VAL B 116 0.52 6.41 -9.38
C VAL B 116 0.91 6.03 -7.95
N VAL B 117 1.21 7.01 -7.12
CA VAL B 117 1.60 6.72 -5.74
C VAL B 117 0.85 7.55 -4.71
N GLY B 118 0.13 6.87 -3.82
CA GLY B 118 -0.61 7.56 -2.78
C GLY B 118 0.15 7.54 -1.47
N VAL B 119 0.26 8.68 -0.79
CA VAL B 119 0.98 8.76 0.48
C VAL B 119 0.02 8.90 1.67
N VAL B 120 0.12 7.99 2.64
CA VAL B 120 -0.78 8.04 3.78
C VAL B 120 -0.03 8.14 5.10
N ASN B 121 -0.67 8.77 6.09
CA ASN B 121 -0.09 8.87 7.41
C ASN B 121 -1.17 9.21 8.42
N ASN B 122 -1.89 8.19 8.89
CA ASN B 122 -2.94 8.41 9.86
C ASN B 122 -2.81 7.50 11.07
N ALA B 123 -3.81 7.54 11.94
CA ALA B 123 -3.81 6.76 13.19
C ALA B 123 -4.29 5.32 13.05
N ASP B 124 -4.92 4.99 11.93
CA ASP B 124 -5.41 3.64 11.71
C ASP B 124 -4.30 2.71 11.22
N VAL B 125 -3.51 3.16 10.25
CA VAL B 125 -2.43 2.34 9.70
C VAL B 125 -1.03 2.95 9.76
N GLY B 126 -0.91 4.17 10.27
CA GLY B 126 0.39 4.81 10.34
C GLY B 126 0.87 5.23 8.97
N ARG B 127 2.19 5.37 8.82
CA ARG B 127 2.75 5.76 7.53
C ARG B 127 2.65 4.61 6.54
N LEU B 128 2.26 4.94 5.32
CA LEU B 128 2.10 3.91 4.30
C LEU B 128 2.02 4.47 2.89
N ILE B 129 2.32 3.63 1.91
CA ILE B 129 2.30 4.02 0.51
C ILE B 129 1.52 2.99 -0.29
N PHE B 130 0.71 3.46 -1.23
CA PHE B 130 -0.02 2.53 -2.10
C PHE B 130 0.28 2.91 -3.55
N SER B 131 0.44 1.90 -4.40
CA SER B 131 0.73 2.19 -5.79
C SER B 131 -0.39 1.64 -6.65
N GLY B 132 -0.53 2.22 -7.83
CA GLY B 132 -1.56 1.81 -8.77
C GLY B 132 -1.30 2.48 -10.10
N GLU B 133 -2.19 2.24 -11.06
CA GLU B 133 -2.05 2.82 -12.39
C GLU B 133 -3.14 3.85 -12.67
N ALA B 134 -2.77 4.90 -13.40
CA ALA B 134 -3.70 5.95 -13.75
C ALA B 134 -4.79 5.42 -14.66
N LEU B 135 -5.84 6.22 -14.82
CA LEU B 135 -6.95 5.87 -15.72
C LEU B 135 -7.24 7.13 -16.53
N THR B 136 -8.23 7.90 -16.09
CA THR B 136 -8.58 9.13 -16.79
C THR B 136 -9.06 10.17 -15.80
N TYR B 137 -9.28 11.38 -16.31
CA TYR B 137 -9.78 12.48 -15.51
C TYR B 137 -11.31 12.51 -15.66
N LYS B 138 -12.02 12.59 -14.54
CA LYS B 138 -13.46 12.64 -14.57
C LYS B 138 -13.95 13.98 -14.06
N ASP B 139 -14.91 14.58 -14.76
CA ASP B 139 -15.48 15.86 -14.37
C ASP B 139 -16.33 15.72 -13.13
N ILE B 140 -17.12 14.64 -13.05
CA ILE B 140 -17.96 14.42 -11.87
C ILE B 140 -18.10 12.93 -11.59
N VAL B 141 -18.08 12.58 -10.32
CA VAL B 141 -18.20 11.20 -9.87
C VAL B 141 -19.27 11.14 -8.78
N VAL B 142 -20.24 10.25 -8.93
CA VAL B 142 -21.28 10.14 -7.92
C VAL B 142 -20.86 9.05 -6.93
N LEU B 143 -20.89 9.38 -5.65
CA LEU B 143 -20.51 8.46 -4.59
C LEU B 143 -21.65 7.50 -4.26
N MET B 144 -21.42 6.50 -3.42
CA MET B 144 -22.49 5.56 -3.13
C MET B 144 -23.58 6.12 -2.23
N ASP B 145 -23.31 7.22 -1.54
CA ASP B 145 -24.31 7.83 -0.67
C ASP B 145 -25.20 8.82 -1.43
N GLY B 146 -25.00 8.92 -2.74
CA GLY B 146 -25.82 9.81 -3.55
C GLY B 146 -25.23 11.19 -3.77
N ASP B 147 -24.01 11.37 -3.30
CA ASP B 147 -23.31 12.63 -3.42
C ASP B 147 -22.51 12.72 -4.71
N THR B 148 -21.94 13.89 -4.97
CA THR B 148 -21.14 14.09 -6.18
C THR B 148 -19.85 14.84 -5.87
N MET B 149 -18.84 14.66 -6.73
CA MET B 149 -17.56 15.35 -6.57
C MET B 149 -17.01 15.68 -7.95
N PRO B 150 -16.58 16.93 -8.16
CA PRO B 150 -16.02 17.36 -9.45
C PRO B 150 -14.53 17.14 -9.62
N GLY B 151 -14.01 17.45 -10.81
CA GLY B 151 -12.61 17.32 -11.12
C GLY B 151 -11.84 16.24 -10.37
N LEU B 152 -12.05 15.00 -10.76
CA LEU B 152 -11.41 13.89 -10.10
C LEU B 152 -10.56 13.09 -11.07
N PHE B 153 -9.45 12.56 -10.58
CA PHE B 153 -8.58 11.74 -11.38
C PHE B 153 -8.71 10.33 -10.81
N ALA B 154 -9.08 9.36 -11.65
CA ALA B 154 -9.24 8.00 -11.19
C ALA B 154 -7.95 7.21 -11.39
N TYR B 155 -7.84 6.06 -10.74
CA TYR B 155 -6.67 5.19 -10.87
C TYR B 155 -6.88 3.82 -10.23
N LYS B 156 -6.25 2.80 -10.81
CA LYS B 156 -6.33 1.44 -10.28
C LYS B 156 -5.47 1.36 -9.05
N ALA B 157 -6.11 1.21 -7.89
CA ALA B 157 -5.38 1.11 -6.63
C ALA B 157 -6.18 0.40 -5.56
N ALA B 158 -5.48 0.02 -4.50
CA ALA B 158 -6.11 -0.65 -3.37
C ALA B 158 -6.11 0.39 -2.24
N THR B 159 -7.25 1.02 -2.00
CA THR B 159 -7.37 2.03 -0.95
C THR B 159 -8.41 1.63 0.07
N ARG B 160 -8.47 2.35 1.18
CA ARG B 160 -9.45 2.05 2.23
C ARG B 160 -9.79 3.31 3.02
N ALA B 161 -10.84 3.26 3.83
CA ALA B 161 -11.25 4.40 4.63
C ALA B 161 -10.06 4.96 5.42
N GLY B 162 -9.86 6.28 5.37
CA GLY B 162 -8.77 6.88 6.12
C GLY B 162 -7.70 7.48 5.22
N TYR B 163 -7.63 7.00 3.98
CA TYR B 163 -6.65 7.51 3.02
C TYR B 163 -7.00 8.90 2.52
N ALA B 164 -8.27 9.28 2.64
CA ALA B 164 -8.73 10.58 2.19
C ALA B 164 -7.79 11.68 2.68
N GLY B 165 -7.38 12.56 1.77
CA GLY B 165 -6.49 13.63 2.15
C GLY B 165 -5.02 13.35 1.89
N GLY B 166 -4.71 12.07 1.63
CA GLY B 166 -3.33 11.68 1.34
C GLY B 166 -2.94 12.16 -0.05
N ALA B 167 -1.66 12.48 -0.23
CA ALA B 167 -1.18 12.96 -1.53
C ALA B 167 -1.00 11.85 -2.56
N VAL B 168 -1.30 12.16 -3.81
CA VAL B 168 -1.17 11.19 -4.89
C VAL B 168 -0.17 11.70 -5.92
N LEU B 169 0.87 10.92 -6.18
CA LEU B 169 1.90 11.32 -7.14
C LEU B 169 1.85 10.49 -8.42
N ALA B 170 2.28 11.08 -9.52
CA ALA B 170 2.31 10.39 -10.81
C ALA B 170 3.57 10.76 -11.57
N ALA B 174 9.04 11.31 -17.36
CA ALA B 174 9.88 10.84 -16.25
C ALA B 174 9.71 11.73 -15.03
N ASP B 175 9.61 13.04 -15.27
CA ASP B 175 9.44 14.00 -14.17
C ASP B 175 8.16 13.69 -13.39
N THR B 176 8.28 13.71 -12.07
CA THR B 176 7.17 13.41 -11.18
C THR B 176 6.49 14.66 -10.62
N PHE B 177 5.23 14.52 -10.22
CA PHE B 177 4.51 15.66 -9.67
C PHE B 177 3.32 15.23 -8.80
N ILE B 178 2.65 16.21 -8.21
CA ILE B 178 1.51 15.95 -7.35
C ILE B 178 0.19 16.28 -8.06
N VAL B 179 -0.69 15.29 -8.15
CA VAL B 179 -1.98 15.49 -8.79
C VAL B 179 -2.94 16.20 -7.84
N GLY B 180 -3.26 15.53 -6.73
CA GLY B 180 -4.17 16.09 -5.75
C GLY B 180 -4.24 15.20 -4.52
N THR B 181 -5.29 15.35 -3.73
CA THR B 181 -5.46 14.56 -2.52
C THR B 181 -6.49 13.44 -2.68
N HIS B 182 -6.20 12.26 -2.13
CA HIS B 182 -7.13 11.14 -2.24
C HIS B 182 -8.48 11.53 -1.63
N SER B 183 -9.58 11.14 -2.29
CA SER B 183 -10.90 11.51 -1.79
C SER B 183 -11.84 10.32 -1.59
N ALA B 184 -11.89 9.45 -2.59
CA ALA B 184 -12.79 8.31 -2.50
C ALA B 184 -12.22 7.16 -3.30
N GLY B 185 -12.78 5.97 -3.08
CA GLY B 185 -12.32 4.81 -3.80
C GLY B 185 -13.27 3.65 -3.61
N GLY B 186 -12.94 2.52 -4.22
CA GLY B 186 -13.79 1.34 -4.11
C GLY B 186 -13.48 0.30 -5.18
N ASN B 187 -13.85 -0.94 -4.88
CA ASN B 187 -13.65 -2.06 -5.79
C ASN B 187 -12.46 -1.95 -6.74
N GLY B 188 -11.27 -1.77 -6.17
CA GLY B 188 -10.07 -1.70 -6.99
C GLY B 188 -9.65 -0.39 -7.61
N VAL B 189 -10.48 0.64 -7.51
CA VAL B 189 -10.12 1.93 -8.09
C VAL B 189 -10.27 3.10 -7.10
N GLY B 190 -9.29 4.01 -7.14
CA GLY B 190 -9.30 5.16 -6.27
C GLY B 190 -9.49 6.46 -7.03
N TYR B 191 -9.88 7.51 -6.30
CA TYR B 191 -10.10 8.83 -6.89
C TYR B 191 -9.53 9.92 -6.01
N CYS B 192 -8.87 10.89 -6.64
CA CYS B 192 -8.30 12.00 -5.91
C CYS B 192 -8.80 13.32 -6.51
N SER B 193 -8.98 14.32 -5.66
CA SER B 193 -9.43 15.63 -6.11
C SER B 193 -8.20 16.36 -6.65
N CYS B 194 -8.24 16.70 -7.95
CA CYS B 194 -7.14 17.38 -8.60
C CYS B 194 -6.89 18.79 -8.06
N VAL B 195 -5.64 19.23 -8.09
CA VAL B 195 -5.29 20.57 -7.59
C VAL B 195 -4.26 21.23 -8.50
N SER B 196 -4.57 22.44 -8.98
CA SER B 196 -3.66 23.17 -9.86
C SER B 196 -2.65 24.00 -9.09
N ARG B 197 -1.42 24.06 -9.61
CA ARG B 197 -0.37 24.84 -8.96
C ARG B 197 -0.73 26.31 -8.89
N SER B 198 -1.47 26.80 -9.88
CA SER B 198 -1.86 28.20 -9.91
C SER B 198 -2.88 28.54 -8.83
N MET B 199 -3.85 27.65 -8.61
CA MET B 199 -4.86 27.87 -7.59
C MET B 199 -4.20 27.91 -6.21
N LEU B 200 -3.17 27.10 -6.04
CA LEU B 200 -2.41 27.04 -4.79
C LEU B 200 -1.55 28.29 -4.67
N GLN B 201 -1.03 28.73 -5.81
CA GLN B 201 -0.19 29.92 -5.89
C GLN B 201 -1.02 31.15 -5.52
N LYS B 202 -2.20 31.28 -6.14
CA LYS B 202 -3.07 32.41 -5.85
C LYS B 202 -3.49 32.35 -4.37
N MET B 203 -3.62 31.14 -3.85
CA MET B 203 -4.01 30.96 -2.46
C MET B 203 -2.86 31.31 -1.51
N LYS B 204 -1.62 31.12 -1.98
CA LYS B 204 -0.45 31.44 -1.18
C LYS B 204 -0.35 32.94 -0.92
N ALA B 205 -0.48 33.75 -1.96
CA ALA B 205 -0.41 35.20 -1.80
C ALA B 205 -1.59 35.74 -1.01
N HIS B 206 -2.74 35.12 -1.15
CA HIS B 206 -3.94 35.55 -0.43
C HIS B 206 -3.74 35.39 1.07
N VAL B 207 -3.11 34.30 1.46
CA VAL B 207 -2.84 34.02 2.86
C VAL B 207 -1.50 34.64 3.25
N ASP B 208 -0.76 35.12 2.24
CA ASP B 208 0.55 35.75 2.43
C ASP B 208 1.50 34.92 3.29
N ALA C 2 9.77 -11.30 -19.57
CA ALA C 2 10.13 -12.59 -19.00
C ALA C 2 10.35 -12.36 -17.52
N PRO C 3 9.38 -12.77 -16.70
CA PRO C 3 9.48 -12.59 -15.25
C PRO C 3 10.87 -12.79 -14.67
N ALA C 4 11.20 -12.00 -13.66
CA ALA C 4 12.47 -12.10 -12.98
C ALA C 4 12.20 -12.21 -11.47
N LYS C 5 13.02 -12.97 -10.75
CA LYS C 5 12.85 -13.11 -9.30
C LYS C 5 12.91 -11.69 -8.76
N GLN C 6 12.05 -11.34 -7.81
CA GLN C 6 12.07 -9.97 -7.34
C GLN C 6 12.51 -9.70 -5.94
N LEU C 7 13.72 -10.16 -5.69
CA LEU C 7 14.39 -9.99 -4.43
C LEU C 7 15.19 -8.75 -4.85
N LEU C 8 15.49 -7.83 -3.93
CA LEU C 8 16.29 -6.69 -4.34
C LEU C 8 17.74 -7.09 -4.08
N ASN C 9 18.51 -7.20 -5.16
CA ASN C 9 19.91 -7.62 -5.07
C ASN C 9 21.00 -6.55 -5.11
N PHE C 10 21.94 -6.66 -4.18
CA PHE C 10 23.08 -5.76 -4.10
C PHE C 10 24.32 -6.66 -4.08
N ALA D 2 -20.56 2.30 -7.40
CA ALA D 2 -20.08 3.63 -7.07
C ALA D 2 -19.08 3.62 -5.93
N PRO D 3 -18.06 4.48 -5.99
CA PRO D 3 -17.06 4.54 -4.92
C PRO D 3 -17.60 5.29 -3.72
N ALA D 4 -16.95 5.14 -2.58
CA ALA D 4 -17.37 5.81 -1.36
C ALA D 4 -16.33 6.80 -0.86
N LYS D 5 -16.79 7.85 -0.17
CA LYS D 5 -15.89 8.85 0.39
C LYS D 5 -15.00 8.07 1.35
N GLN D 6 -13.70 8.30 1.33
CA GLN D 6 -12.86 7.53 2.22
C GLN D 6 -12.27 8.21 3.44
N LEU D 7 -13.15 8.84 4.18
CA LEU D 7 -12.82 9.49 5.45
C LEU D 7 -13.20 8.36 6.42
N LEU D 8 -12.33 8.01 7.36
CA LEU D 8 -12.69 6.92 8.27
C LEU D 8 -13.64 7.36 9.36
N ASN D 9 -14.88 6.91 9.24
CA ASN D 9 -15.93 7.24 10.19
C ASN D 9 -16.12 6.19 11.30
N PHE D 10 -16.56 6.67 12.45
CA PHE D 10 -16.79 5.82 13.62
C PHE D 10 -18.22 5.99 14.14
#